data_3EA6
#
_entry.id   3EA6
#
_cell.length_a   46.829
_cell.length_b   53.652
_cell.length_c   92.940
_cell.angle_alpha   90.00
_cell.angle_beta   90.00
_cell.angle_gamma   90.00
#
_symmetry.space_group_name_H-M   'P 21 21 21'
#
loop_
_entity.id
_entity.type
_entity.pdbx_description
1 polymer 'Staphylococcal enterotoxin K'
2 non-polymer 'ZINC ION'
3 non-polymer 'IODIDE ION'
4 water water
#
_entity_poly.entity_id   1
_entity_poly.type   'polypeptide(L)'
_entity_poly.pdbx_seq_one_letter_code
;QGDIGIDNLRNFYTKKDFVDLKDVKDNDTPIANQLQFSNESYDLISESKDFNKFSNFKGKKLDVFGISYNGQCNTKYIYG
GVTATNEYLDKSRNIPINIWINGNHKTISTNKVSTNKKFVTAQEIDVKLRKYLQEEYNIYGHNGTKKGEEYGHKSKFYSG
FNIGKVTFHLNNNDTFSYDLFYTGDDGLPKSFLKIYEDNKTVESEKFHLDVDISYKETI
;
_entity_poly.pdbx_strand_id   A
#
loop_
_chem_comp.id
_chem_comp.type
_chem_comp.name
_chem_comp.formula
IOD non-polymer 'IODIDE ION' 'I -1'
ZN non-polymer 'ZINC ION' 'Zn 2'
#
# COMPACT_ATOMS: atom_id res chain seq x y z
N ASP A 3 -18.31 -12.60 4.73
CA ASP A 3 -17.86 -11.21 4.58
C ASP A 3 -16.85 -11.18 3.44
N ILE A 4 -17.17 -10.58 2.30
CA ILE A 4 -16.32 -10.57 1.13
C ILE A 4 -14.99 -9.81 1.38
N GLY A 5 -14.98 -8.93 2.37
CA GLY A 5 -13.81 -8.20 2.68
C GLY A 5 -12.65 -9.07 3.13
N ILE A 6 -12.94 -10.25 3.73
CA ILE A 6 -11.89 -11.15 4.17
C ILE A 6 -11.03 -11.60 2.98
N ASP A 7 -11.71 -12.18 1.99
CA ASP A 7 -11.00 -12.67 0.82
C ASP A 7 -10.40 -11.49 0.04
N ASN A 8 -11.09 -10.35 -0.02
CA ASN A 8 -10.54 -9.23 -0.80
C ASN A 8 -9.32 -8.64 -0.14
N LEU A 9 -9.26 -8.49 1.19
CA LEU A 9 -8.01 -8.01 1.80
C LEU A 9 -6.89 -8.96 1.48
N ARG A 10 -7.14 -10.27 1.65
CA ARG A 10 -6.09 -11.24 1.39
C ARG A 10 -5.60 -11.12 -0.05
N ASN A 11 -6.51 -11.10 -0.99
CA ASN A 11 -6.11 -11.12 -2.40
C ASN A 11 -5.42 -9.81 -2.80
N PHE A 12 -6.08 -8.67 -2.53
CA PHE A 12 -5.57 -7.41 -3.04
C PHE A 12 -4.29 -6.99 -2.35
N TYR A 13 -4.10 -7.28 -1.07
CA TYR A 13 -2.87 -6.92 -0.41
C TYR A 13 -1.75 -7.92 -0.59
N THR A 14 -2.05 -9.20 -0.80
CA THR A 14 -1.00 -10.20 -0.62
C THR A 14 -0.81 -11.14 -1.76
N LYS A 15 -1.71 -11.21 -2.74
CA LYS A 15 -1.57 -12.11 -3.86
C LYS A 15 -1.51 -11.40 -5.19
N LYS A 16 -2.47 -10.54 -5.46
CA LYS A 16 -2.53 -9.82 -6.73
C LYS A 16 -1.30 -8.95 -6.91
N ASP A 17 -0.71 -8.95 -8.08
CA ASP A 17 0.49 -8.19 -8.33
C ASP A 17 0.27 -6.68 -8.11
N PHE A 18 1.16 -6.04 -7.39
CA PHE A 18 1.09 -4.58 -7.23
C PHE A 18 1.39 -3.90 -8.56
N VAL A 19 0.77 -2.73 -8.72
CA VAL A 19 1.21 -1.78 -9.74
C VAL A 19 2.62 -1.34 -9.38
N ASP A 20 3.51 -1.33 -10.42
CA ASP A 20 4.86 -0.83 -10.23
C ASP A 20 5.35 -0.33 -11.60
N LEU A 21 5.15 0.96 -11.83
CA LEU A 21 5.52 1.62 -13.09
C LEU A 21 6.62 2.63 -12.78
N LYS A 22 7.63 2.68 -13.65
CA LYS A 22 8.73 3.61 -13.48
C LYS A 22 8.89 4.45 -14.73
N ASP A 23 9.04 5.76 -14.54
CA ASP A 23 9.37 6.61 -15.68
C ASP A 23 8.32 6.57 -16.77
N VAL A 24 7.04 6.68 -16.37
CA VAL A 24 5.91 6.63 -17.29
C VAL A 24 5.31 8.03 -17.40
N LYS A 25 4.85 8.39 -18.62
CA LYS A 25 4.30 9.69 -18.88
C LYS A 25 2.80 9.74 -18.65
N ASP A 26 2.35 10.68 -17.85
CA ASP A 26 0.91 10.90 -17.75
C ASP A 26 0.40 11.49 -19.06
N ASN A 27 -0.85 11.13 -19.41
CA ASN A 27 -1.45 11.48 -20.70
C ASN A 27 -1.94 12.92 -20.79
N ASP A 28 -1.92 13.69 -19.70
CA ASP A 28 -2.25 15.13 -19.75
C ASP A 28 -3.67 15.37 -20.23
N THR A 29 -4.61 14.64 -19.67
CA THR A 29 -6.02 14.88 -19.99
C THR A 29 -6.52 16.13 -19.24
N PRO A 30 -7.68 16.64 -19.61
CA PRO A 30 -8.25 17.77 -18.88
C PRO A 30 -8.87 17.41 -17.53
N ILE A 31 -8.88 16.13 -17.13
CA ILE A 31 -9.61 15.70 -15.93
C ILE A 31 -8.82 16.07 -14.69
N ALA A 32 -9.40 16.87 -13.80
CA ALA A 32 -8.65 17.44 -12.69
C ALA A 32 -8.26 16.41 -11.62
N ASN A 33 -9.09 15.39 -11.45
CA ASN A 33 -8.92 14.45 -10.31
C ASN A 33 -8.28 13.14 -10.73
N GLN A 34 -7.81 13.02 -11.97
CA GLN A 34 -7.26 11.77 -12.47
C GLN A 34 -5.99 12.01 -13.28
N LEU A 35 -5.03 11.12 -13.11
CA LEU A 35 -3.91 10.94 -14.02
C LEU A 35 -4.16 9.63 -14.78
N GLN A 36 -3.49 9.46 -15.91
CA GLN A 36 -3.76 8.29 -16.78
C GLN A 36 -2.47 7.89 -17.47
N PHE A 37 -2.22 6.57 -17.44
CA PHE A 37 -1.00 5.97 -17.97
C PHE A 37 -1.39 4.83 -18.90
N SER A 38 -1.00 4.88 -20.16
CA SER A 38 -1.43 3.92 -21.15
C SER A 38 -0.34 2.92 -21.48
N ASN A 39 -0.80 1.70 -21.77
CA ASN A 39 0.06 0.68 -22.34
C ASN A 39 -0.71 -0.01 -23.45
N GLU A 40 -0.13 -1.02 -24.09
CA GLU A 40 -0.79 -1.63 -25.27
C GLU A 40 -2.04 -2.35 -24.96
N SER A 41 -2.32 -2.70 -23.73
CA SER A 41 -3.57 -3.43 -23.43
C SER A 41 -4.56 -2.60 -22.64
N TYR A 42 -4.18 -1.71 -21.78
CA TYR A 42 -5.09 -1.01 -20.93
C TYR A 42 -4.55 0.36 -20.55
N ASP A 43 -5.44 1.16 -20.01
CA ASP A 43 -5.09 2.38 -19.36
C ASP A 43 -5.26 2.25 -17.84
N LEU A 44 -4.31 2.75 -17.10
CA LEU A 44 -4.38 2.85 -15.64
C LEU A 44 -4.74 4.29 -15.29
N ILE A 45 -5.82 4.45 -14.53
CA ILE A 45 -6.30 5.75 -14.06
C ILE A 45 -5.98 5.84 -12.57
N SER A 46 -5.28 6.88 -12.18
CA SER A 46 -5.06 7.19 -10.78
C SER A 46 -5.99 8.30 -10.35
N GLU A 47 -6.74 8.10 -9.26
CA GLU A 47 -7.66 9.08 -8.73
C GLU A 47 -7.11 9.67 -7.44
N SER A 48 -7.22 11.00 -7.25
CA SER A 48 -6.79 11.61 -6.03
C SER A 48 -7.64 12.83 -5.70
N LYS A 49 -7.66 13.16 -4.40
CA LYS A 49 -8.22 14.42 -3.91
C LYS A 49 -7.21 15.56 -3.89
N ASP A 50 -5.91 15.26 -4.14
CA ASP A 50 -4.87 16.30 -4.18
C ASP A 50 -4.79 16.84 -5.60
N PHE A 51 -5.74 17.72 -5.91
CA PHE A 51 -5.84 18.24 -7.27
C PHE A 51 -4.61 19.11 -7.60
N ASN A 52 -4.07 19.79 -6.62
CA ASN A 52 -2.89 20.62 -6.88
C ASN A 52 -1.72 19.76 -7.28
N LYS A 53 -1.48 18.69 -6.59
CA LYS A 53 -0.40 17.75 -6.96
C LYS A 53 -0.64 17.22 -8.35
N PHE A 54 -1.86 16.75 -8.62
CA PHE A 54 -2.15 16.19 -9.94
C PHE A 54 -1.92 17.23 -11.03
N SER A 55 -2.31 18.50 -10.78
CA SER A 55 -2.08 19.53 -11.78
C SER A 55 -0.60 19.66 -12.10
N ASN A 56 0.24 19.63 -11.05
CA ASN A 56 1.69 19.71 -11.24
C ASN A 56 2.24 18.50 -11.98
N PHE A 57 1.62 17.34 -11.86
CA PHE A 57 2.07 16.11 -12.47
C PHE A 57 1.56 15.92 -13.87
N LYS A 58 0.62 16.70 -14.34
CA LYS A 58 0.05 16.47 -15.68
C LYS A 58 1.15 16.50 -16.71
N GLY A 59 1.17 15.47 -17.56
CA GLY A 59 2.09 15.38 -18.63
C GLY A 59 3.52 15.10 -18.27
N LYS A 60 3.82 14.83 -16.99
CA LYS A 60 5.16 14.59 -16.52
C LYS A 60 5.51 13.10 -16.54
N LYS A 61 6.81 12.82 -16.39
CA LYS A 61 7.33 11.49 -16.16
C LYS A 61 7.26 11.16 -14.66
N LEU A 62 6.60 10.04 -14.35
CA LEU A 62 6.18 9.72 -13.01
C LEU A 62 6.47 8.25 -12.73
N ASP A 63 6.46 7.95 -11.42
CA ASP A 63 6.42 6.56 -10.97
C ASP A 63 5.06 6.30 -10.33
N VAL A 64 4.61 5.04 -10.39
CA VAL A 64 3.30 4.66 -9.82
C VAL A 64 3.51 3.37 -9.06
N PHE A 65 2.96 3.27 -7.85
CA PHE A 65 3.06 2.03 -7.10
C PHE A 65 1.82 1.89 -6.22
N GLY A 66 1.23 0.70 -6.20
CA GLY A 66 0.18 0.41 -5.23
C GLY A 66 -0.69 -0.70 -5.70
N ILE A 67 -1.97 -0.66 -5.32
CA ILE A 67 -2.94 -1.68 -5.65
C ILE A 67 -3.95 -1.13 -6.63
N SER A 68 -4.08 -1.80 -7.79
CA SER A 68 -5.13 -1.46 -8.73
C SER A 68 -6.31 -2.42 -8.64
N TYR A 69 -7.44 -1.94 -9.14
CA TYR A 69 -8.64 -2.75 -9.25
C TYR A 69 -9.25 -2.52 -10.62
N ASN A 70 -10.01 -3.52 -11.08
CA ASN A 70 -10.50 -3.56 -12.43
C ASN A 70 -11.46 -2.49 -12.73
N GLY A 71 -11.32 -1.91 -13.94
CA GLY A 71 -12.26 -0.96 -14.54
C GLY A 71 -12.97 -1.54 -15.71
N GLN A 72 -13.90 -0.85 -16.28
CA GLN A 72 -14.60 -1.32 -17.46
C GLN A 72 -13.70 -1.16 -18.70
C GLN A 72 -13.75 -1.07 -18.72
N CYS A 73 -14.05 -2.07 -19.62
N CYS A 73 -13.92 -1.84 -19.80
CA CYS A 73 -13.43 -2.27 -20.93
CA CYS A 73 -13.36 -1.50 -21.11
C CYS A 73 -11.93 -2.29 -20.68
C CYS A 73 -11.87 -1.11 -21.14
N ASN A 74 -11.19 -1.30 -21.19
N ASN A 74 -11.04 -2.07 -20.71
CA ASN A 74 -9.74 -1.40 -21.14
CA ASN A 74 -9.59 -2.01 -20.79
C ASN A 74 -9.16 -0.53 -20.05
C ASN A 74 -9.01 -0.90 -19.92
N THR A 75 -9.64 -0.53 -18.83
CA THR A 75 -9.20 0.39 -17.80
C THR A 75 -9.00 -0.32 -16.48
N LYS A 76 -8.08 0.15 -15.67
CA LYS A 76 -7.78 -0.22 -14.30
C LYS A 76 -7.69 1.06 -13.48
N TYR A 77 -7.96 0.99 -12.18
CA TYR A 77 -7.93 2.13 -11.30
C TYR A 77 -6.98 1.91 -10.12
N ILE A 78 -6.36 3.00 -9.70
CA ILE A 78 -5.57 3.04 -8.47
C ILE A 78 -5.92 4.36 -7.77
N TYR A 79 -5.95 4.35 -6.43
CA TYR A 79 -6.05 5.61 -5.69
C TYR A 79 -4.63 6.12 -5.46
N GLY A 80 -4.35 7.34 -5.93
CA GLY A 80 -3.03 7.91 -5.69
C GLY A 80 -1.93 7.03 -6.26
N GLY A 81 -0.86 6.82 -5.45
CA GLY A 81 0.24 5.97 -5.88
C GLY A 81 1.32 6.66 -6.67
N VAL A 82 1.21 7.96 -6.93
CA VAL A 82 2.05 8.61 -7.95
C VAL A 82 3.12 9.48 -7.30
N THR A 83 4.36 9.39 -7.82
CA THR A 83 5.44 10.25 -7.39
C THR A 83 6.20 10.77 -8.60
N ALA A 84 6.86 11.90 -8.39
CA ALA A 84 7.76 12.46 -9.40
C ALA A 84 8.99 11.59 -9.38
C ALA A 84 8.88 11.47 -9.80
N THR A 85 9.72 11.92 -10.44
N THR A 85 9.20 11.08 -11.07
CA THR A 85 10.95 11.17 -10.81
CA THR A 85 10.37 10.24 -11.40
C THR A 85 12.14 12.05 -10.76
C THR A 85 11.72 11.06 -11.00
N ASN A 86 12.19 13.02 -9.87
CA ASN A 86 13.30 13.79 -9.92
C ASN A 86 14.44 13.47 -8.93
N GLU A 87 14.10 12.72 -7.87
CA GLU A 87 15.08 12.31 -6.89
C GLU A 87 14.88 10.91 -6.36
C GLU A 87 15.07 10.87 -6.31
N TYR A 88 16.00 10.23 -6.24
N TYR A 88 15.86 9.85 -6.73
CA TYR A 88 16.07 8.87 -5.73
CA TYR A 88 16.03 8.57 -6.02
C TYR A 88 17.25 8.74 -4.81
C TYR A 88 17.12 8.69 -4.95
N LEU A 89 17.02 7.88 -3.82
N LEU A 89 17.07 7.85 -3.92
CA LEU A 89 18.16 7.54 -2.98
C LEU A 89 19.20 6.74 -3.73
N ASP A 90 20.44 6.81 -3.29
CA ASP A 90 21.50 6.03 -3.92
C ASP A 90 21.21 4.55 -3.85
N LYS A 91 20.60 4.09 -2.74
CA LYS A 91 20.35 2.69 -2.50
C LYS A 91 18.88 2.59 -1.97
N SER A 92 18.27 1.49 -2.16
CA SER A 92 16.99 1.22 -1.52
C SER A 92 17.14 1.08 0.00
C SER A 92 17.26 1.23 0.01
N ARG A 93 16.36 1.79 0.75
CA ARG A 93 16.35 1.80 2.20
C ARG A 93 15.29 0.82 2.70
N ASN A 94 15.72 -0.15 3.52
CA ASN A 94 14.78 -1.02 4.19
C ASN A 94 14.24 -0.25 5.37
N ILE A 95 12.92 -0.12 5.46
CA ILE A 95 12.30 0.73 6.50
C ILE A 95 12.30 -0.03 7.83
N PRO A 96 12.85 0.53 8.89
CA PRO A 96 12.78 -0.19 10.18
C PRO A 96 11.36 -0.33 10.65
N ILE A 97 11.07 -1.52 11.20
CA ILE A 97 9.75 -1.89 11.69
C ILE A 97 9.88 -2.29 13.15
N ASN A 98 9.14 -1.57 14.00
CA ASN A 98 8.96 -1.97 15.39
C ASN A 98 7.61 -2.68 15.44
N ILE A 99 7.59 -3.92 15.82
CA ILE A 99 6.37 -4.68 15.78
C ILE A 99 6.06 -5.28 17.13
N TRP A 100 4.78 -5.21 17.47
CA TRP A 100 4.23 -5.83 18.69
C TRP A 100 3.23 -6.87 18.21
N ILE A 101 3.49 -8.12 18.56
CA ILE A 101 2.69 -9.28 18.15
C ILE A 101 2.09 -9.87 19.41
N ASN A 102 0.79 -9.70 19.64
CA ASN A 102 0.21 -10.14 20.90
C ASN A 102 0.97 -9.62 22.09
N GLY A 103 1.45 -8.35 21.98
CA GLY A 103 2.14 -7.74 23.09
C GLY A 103 3.62 -7.94 23.16
N ASN A 104 4.20 -8.79 22.30
CA ASN A 104 5.59 -9.12 22.33
C ASN A 104 6.32 -8.31 21.26
N HIS A 105 7.33 -7.56 21.63
CA HIS A 105 7.99 -6.58 20.77
C HIS A 105 9.22 -7.13 20.11
N LYS A 106 9.40 -6.81 18.84
CA LYS A 106 10.67 -6.96 18.21
C LYS A 106 10.89 -5.87 17.19
N THR A 107 12.12 -5.74 16.73
CA THR A 107 12.49 -4.80 15.69
C THR A 107 13.03 -5.62 14.53
N ILE A 108 12.62 -5.28 13.30
CA ILE A 108 13.09 -5.99 12.08
C ILE A 108 13.19 -5.00 10.96
N SER A 109 14.12 -5.25 10.06
CA SER A 109 14.13 -4.63 8.74
C SER A 109 14.27 -5.76 7.72
N THR A 110 13.75 -5.52 6.53
CA THR A 110 13.76 -6.56 5.48
C THR A 110 13.74 -5.91 4.11
N ASN A 111 14.37 -6.58 3.14
CA ASN A 111 14.28 -6.13 1.76
C ASN A 111 12.83 -6.13 1.27
N LYS A 112 11.93 -6.84 1.91
CA LYS A 112 10.55 -6.92 1.53
C LYS A 112 9.77 -5.64 1.85
N VAL A 113 10.31 -4.74 2.63
CA VAL A 113 9.66 -3.44 2.92
C VAL A 113 10.74 -2.36 2.76
N SER A 114 10.89 -1.90 1.52
CA SER A 114 12.03 -1.09 1.15
C SER A 114 11.63 -0.13 0.04
N THR A 115 12.37 0.94 -0.12
CA THR A 115 12.17 1.84 -1.26
C THR A 115 13.45 2.62 -1.56
N ASN A 116 13.63 2.95 -2.85
CA ASN A 116 14.68 3.91 -3.24
C ASN A 116 14.10 5.26 -3.61
N LYS A 117 12.80 5.52 -3.39
CA LYS A 117 12.25 6.82 -3.70
C LYS A 117 12.59 7.78 -2.57
N LYS A 118 13.03 8.98 -2.88
CA LYS A 118 13.32 9.93 -1.83
C LYS A 118 12.05 10.27 -1.03
N PHE A 119 10.96 10.47 -1.78
CA PHE A 119 9.63 10.64 -1.19
C PHE A 119 8.80 9.48 -1.76
N VAL A 120 8.36 8.62 -0.89
CA VAL A 120 7.61 7.40 -1.24
C VAL A 120 6.16 7.60 -0.85
N THR A 121 5.22 7.04 -1.61
CA THR A 121 3.84 7.05 -1.11
C THR A 121 3.74 6.17 0.14
N ALA A 122 2.87 6.62 1.05
CA ALA A 122 2.47 5.77 2.16
C ALA A 122 1.87 4.47 1.62
N GLN A 123 1.12 4.54 0.49
CA GLN A 123 0.55 3.35 -0.07
C GLN A 123 1.61 2.30 -0.38
N GLU A 124 2.67 2.69 -1.10
CA GLU A 124 3.70 1.72 -1.45
C GLU A 124 4.23 0.99 -0.22
N ILE A 125 4.54 1.77 0.83
CA ILE A 125 5.07 1.17 2.03
C ILE A 125 4.05 0.26 2.71
N ASP A 126 2.82 0.74 2.83
CA ASP A 126 1.77 -0.05 3.51
C ASP A 126 1.53 -1.35 2.79
N VAL A 127 1.38 -1.32 1.44
CA VAL A 127 1.02 -2.55 0.75
C VAL A 127 2.16 -3.57 0.88
N LYS A 128 3.42 -3.10 0.76
CA LYS A 128 4.56 -3.97 0.95
C LYS A 128 4.55 -4.55 2.37
N LEU A 129 4.31 -3.71 3.36
CA LEU A 129 4.26 -4.15 4.73
C LEU A 129 3.20 -5.22 4.94
N ARG A 130 2.00 -5.01 4.45
CA ARG A 130 0.95 -5.99 4.73
C ARG A 130 1.25 -7.32 4.05
N LYS A 131 1.83 -7.29 2.84
CA LYS A 131 2.26 -8.55 2.22
C LYS A 131 3.28 -9.26 3.10
N TYR A 132 4.25 -8.52 3.62
CA TYR A 132 5.26 -9.10 4.55
C TYR A 132 4.60 -9.68 5.78
N LEU A 133 3.65 -8.95 6.37
CA LEU A 133 2.96 -9.43 7.60
C LEU A 133 2.19 -10.71 7.31
N GLN A 134 1.59 -10.81 6.14
CA GLN A 134 0.92 -12.03 5.75
C GLN A 134 1.91 -13.17 5.59
N GLU A 135 3.01 -12.92 4.91
CA GLU A 135 4.03 -13.97 4.70
C GLU A 135 4.57 -14.48 6.02
N GLU A 136 4.86 -13.58 6.98
CA GLU A 136 5.54 -14.01 8.19
C GLU A 136 4.60 -14.37 9.33
N TYR A 137 3.46 -13.72 9.44
CA TYR A 137 2.56 -13.86 10.59
C TYR A 137 1.19 -14.38 10.19
N ASN A 138 0.91 -14.59 8.90
CA ASN A 138 -0.34 -15.15 8.44
C ASN A 138 -1.53 -14.30 8.86
N ILE A 139 -1.39 -12.96 8.89
CA ILE A 139 -2.44 -12.14 9.51
C ILE A 139 -3.80 -12.30 8.86
N TYR A 140 -3.83 -12.52 7.53
CA TYR A 140 -5.08 -12.68 6.81
C TYR A 140 -5.45 -14.12 6.53
N GLY A 141 -4.67 -15.07 7.06
CA GLY A 141 -4.97 -16.46 6.92
C GLY A 141 -4.58 -17.02 5.58
N HIS A 142 -4.41 -18.33 5.49
CA HIS A 142 -4.24 -18.99 4.21
C HIS A 142 -3.05 -18.47 3.45
N ASN A 143 -1.95 -18.21 4.11
CA ASN A 143 -0.76 -17.71 3.45
C ASN A 143 0.01 -18.75 2.64
N GLY A 144 -0.39 -20.00 2.69
CA GLY A 144 0.18 -21.04 1.82
C GLY A 144 1.50 -21.61 2.31
N THR A 145 1.96 -21.25 3.49
CA THR A 145 3.17 -21.83 4.09
C THR A 145 2.87 -22.15 5.57
N LYS A 146 3.84 -22.70 6.27
CA LYS A 146 3.71 -22.90 7.67
C LYS A 146 4.06 -21.69 8.52
N LYS A 147 4.51 -20.60 7.90
CA LYS A 147 4.87 -19.43 8.72
C LYS A 147 3.62 -18.89 9.39
N GLY A 148 3.73 -18.61 10.68
CA GLY A 148 2.64 -18.06 11.44
C GLY A 148 1.66 -19.06 12.00
N GLU A 149 1.87 -20.34 11.81
CA GLU A 149 1.02 -21.34 12.45
C GLU A 149 0.99 -21.19 13.98
N GLU A 150 2.04 -20.69 14.59
CA GLU A 150 2.15 -20.58 16.03
C GLU A 150 1.12 -19.65 16.63
N TYR A 151 0.49 -18.80 15.82
CA TYR A 151 -0.49 -17.85 16.31
C TYR A 151 -1.90 -18.39 16.29
N GLY A 152 -2.12 -19.51 15.63
CA GLY A 152 -3.41 -20.17 15.56
C GLY A 152 -4.31 -19.64 14.47
N HIS A 153 -5.60 -20.02 14.58
CA HIS A 153 -6.55 -19.85 13.49
C HIS A 153 -7.91 -19.40 13.97
N LYS A 154 -8.02 -18.84 15.11
CA LYS A 154 -9.24 -18.43 15.78
C LYS A 154 -9.99 -17.34 15.09
N SER A 155 -9.36 -16.45 14.34
CA SER A 155 -10.09 -15.32 13.75
C SER A 155 -10.91 -15.75 12.52
N LYS A 156 -11.71 -14.79 12.08
CA LYS A 156 -12.53 -15.01 10.87
C LYS A 156 -11.70 -15.13 9.60
N PHE A 157 -10.48 -14.71 9.59
CA PHE A 157 -9.50 -14.89 8.53
C PHE A 157 -8.84 -16.27 8.55
N TYR A 158 -9.17 -17.08 9.58
CA TYR A 158 -8.45 -18.33 9.83
C TYR A 158 -7.00 -17.99 10.22
N SER A 159 -6.85 -16.94 11.04
CA SER A 159 -5.55 -16.47 11.49
C SER A 159 -5.59 -16.24 13.02
N GLY A 160 -4.45 -15.78 13.53
CA GLY A 160 -4.33 -15.47 14.95
C GLY A 160 -4.74 -14.06 15.34
N PHE A 161 -5.23 -13.27 14.36
CA PHE A 161 -5.33 -11.86 14.54
C PHE A 161 -6.62 -11.29 13.96
N ASN A 162 -7.14 -10.26 14.59
CA ASN A 162 -8.25 -9.53 14.05
C ASN A 162 -8.23 -8.06 14.36
N ILE A 163 -7.18 -7.51 14.97
CA ILE A 163 -7.00 -6.12 15.31
C ILE A 163 -5.57 -5.77 14.94
N GLY A 164 -5.38 -4.59 14.32
CA GLY A 164 -4.01 -4.21 14.07
C GLY A 164 -3.96 -2.83 13.46
N LYS A 165 -2.78 -2.24 13.58
CA LYS A 165 -2.54 -0.88 13.13
C LYS A 165 -1.13 -0.78 12.60
N VAL A 166 -0.98 -0.02 11.51
CA VAL A 166 0.35 0.42 11.07
C VAL A 166 0.39 1.92 11.28
N THR A 167 1.46 2.35 11.97
CA THR A 167 1.71 3.77 12.20
C THR A 167 3.03 4.16 11.54
N PHE A 168 2.91 5.19 10.70
CA PHE A 168 4.07 5.88 10.11
C PHE A 168 4.55 6.89 11.13
N HIS A 169 5.77 6.72 11.59
CA HIS A 169 6.31 7.54 12.66
C HIS A 169 7.42 8.37 12.03
N LEU A 170 7.14 9.63 11.81
CA LEU A 170 8.07 10.50 11.20
C LEU A 170 9.10 10.99 12.25
N ASN A 171 10.29 11.38 11.76
CA ASN A 171 11.34 11.81 12.68
C ASN A 171 10.95 12.92 13.61
N ASN A 172 10.05 13.78 13.19
CA ASN A 172 9.60 14.86 14.12
C ASN A 172 8.48 14.41 15.04
N ASN A 173 8.17 13.13 15.10
CA ASN A 173 7.15 12.50 15.98
C ASN A 173 5.72 12.93 15.57
N ASP A 174 5.51 13.53 14.37
CA ASP A 174 4.26 13.37 13.67
C ASP A 174 4.03 11.93 13.24
N THR A 175 2.76 11.55 13.18
CA THR A 175 2.41 10.18 12.81
C THR A 175 1.15 10.20 11.98
N PHE A 176 0.86 9.06 11.34
CA PHE A 176 -0.48 8.77 10.84
C PHE A 176 -0.57 7.24 10.76
N SER A 177 -1.79 6.73 10.76
CA SER A 177 -2.00 5.30 10.89
C SER A 177 -3.11 4.80 9.99
N TYR A 178 -2.98 3.51 9.66
CA TYR A 178 -4.02 2.77 8.94
C TYR A 178 -4.38 1.53 9.74
N ASP A 179 -5.66 1.15 9.63
CA ASP A 179 -6.19 -0.03 10.31
C ASP A 179 -5.96 -1.26 9.42
N LEU A 180 -5.21 -2.24 9.90
CA LEU A 180 -4.83 -3.40 9.11
C LEU A 180 -5.99 -4.28 8.75
N PHE A 181 -7.13 -4.18 9.42
CA PHE A 181 -8.27 -5.06 9.15
C PHE A 181 -9.46 -4.30 8.63
N TYR A 182 -9.31 -3.06 8.19
CA TYR A 182 -10.39 -2.26 7.63
C TYR A 182 -10.82 -2.83 6.26
N THR A 183 -12.14 -3.00 6.10
CA THR A 183 -12.68 -3.52 4.88
C THR A 183 -13.58 -2.55 4.15
N GLY A 184 -13.60 -1.28 4.53
CA GLY A 184 -14.42 -0.31 3.86
C GLY A 184 -15.87 -0.53 4.13
N ASP A 185 -16.72 0.10 3.35
CA ASP A 185 -18.16 0.02 3.59
C ASP A 185 -18.79 -1.26 3.17
N ASP A 186 -18.18 -1.98 2.26
CA ASP A 186 -18.78 -3.11 1.55
C ASP A 186 -17.79 -4.22 1.26
N GLY A 187 -16.57 -4.17 1.80
CA GLY A 187 -15.61 -5.22 1.56
C GLY A 187 -14.95 -5.23 0.21
N LEU A 188 -15.20 -4.19 -0.61
CA LEU A 188 -14.69 -4.14 -1.97
C LEU A 188 -13.53 -3.19 -2.08
N PRO A 189 -12.56 -3.47 -2.97
CA PRO A 189 -11.36 -2.62 -3.05
C PRO A 189 -11.69 -1.18 -3.41
N LYS A 190 -12.69 -0.94 -4.26
CA LYS A 190 -12.99 0.45 -4.59
C LYS A 190 -13.30 1.23 -3.33
N SER A 191 -13.83 0.56 -2.28
CA SER A 191 -14.03 1.20 -1.00
C SER A 191 -12.77 1.19 -0.13
N PHE A 192 -12.21 0.03 0.18
CA PHE A 192 -11.14 0.02 1.20
C PHE A 192 -9.84 0.66 0.72
N LEU A 193 -9.58 0.72 -0.59
CA LEU A 193 -8.37 1.36 -1.09
C LEU A 193 -8.46 2.88 -1.10
N LYS A 194 -9.64 3.44 -0.83
CA LYS A 194 -9.84 4.89 -0.90
C LYS A 194 -9.00 5.60 0.16
N ILE A 195 -8.50 4.87 1.19
CA ILE A 195 -7.58 5.44 2.15
C ILE A 195 -6.34 6.05 1.49
N TYR A 196 -6.00 5.63 0.26
CA TYR A 196 -4.81 6.08 -0.41
C TYR A 196 -5.08 7.29 -1.34
N GLU A 197 -6.30 7.79 -1.39
CA GLU A 197 -6.66 8.82 -2.35
C GLU A 197 -6.00 10.19 -2.09
N ASP A 198 -5.44 10.36 -0.91
CA ASP A 198 -4.71 11.61 -0.63
C ASP A 198 -3.34 11.63 -1.32
N ASN A 199 -2.88 10.50 -1.85
CA ASN A 199 -1.53 10.42 -2.44
C ASN A 199 -0.49 10.94 -1.44
N LYS A 200 -0.67 10.61 -0.14
CA LYS A 200 0.26 11.02 0.89
C LYS A 200 1.61 10.41 0.63
N THR A 201 2.68 11.20 0.81
CA THR A 201 4.06 10.71 0.73
C THR A 201 4.77 10.97 2.08
N VAL A 202 5.85 10.27 2.25
CA VAL A 202 6.77 10.47 3.38
C VAL A 202 8.19 10.50 2.83
N GLU A 203 9.05 11.22 3.52
CA GLU A 203 10.48 11.25 3.18
C GLU A 203 11.10 9.97 3.70
N SER A 204 11.51 9.10 2.78
CA SER A 204 11.86 7.72 3.07
C SER A 204 12.96 7.54 4.08
N GLU A 205 13.95 8.45 4.09
CA GLU A 205 15.02 8.36 5.08
C GLU A 205 14.63 8.77 6.46
N LYS A 206 13.49 9.39 6.65
CA LYS A 206 13.14 10.12 7.88
C LYS A 206 11.85 9.62 8.46
N PHE A 207 11.62 8.31 8.44
CA PHE A 207 10.51 7.72 9.16
C PHE A 207 10.81 6.25 9.45
N HIS A 208 9.98 5.68 10.34
CA HIS A 208 9.97 4.24 10.52
C HIS A 208 8.54 3.81 10.78
N LEU A 209 8.31 2.52 10.88
CA LEU A 209 6.99 1.93 11.07
C LEU A 209 6.85 1.34 12.43
N ASP A 210 5.68 1.59 13.06
CA ASP A 210 5.29 0.88 14.30
C ASP A 210 4.06 0.07 13.94
N VAL A 211 4.11 -1.23 14.20
CA VAL A 211 3.04 -2.14 13.82
C VAL A 211 2.57 -2.87 15.07
N ASP A 212 1.23 -2.92 15.24
CA ASP A 212 0.66 -3.68 16.35
C ASP A 212 -0.36 -4.64 15.76
N ILE A 213 -0.27 -5.90 16.11
CA ILE A 213 -1.28 -6.90 15.74
C ILE A 213 -1.66 -7.72 16.97
N SER A 214 -2.94 -8.00 17.09
CA SER A 214 -3.48 -8.67 18.28
C SER A 214 -4.85 -9.29 17.92
N TYR A 215 -5.48 -9.83 18.96
CA TYR A 215 -6.76 -10.50 18.81
C TYR A 215 -7.65 -10.13 20.01
N LYS A 216 -8.89 -9.91 19.73
CA LYS A 216 -9.97 -9.95 20.77
C LYS A 216 -11.17 -10.72 20.28
N GLU A 217 -11.66 -11.68 21.11
CA GLU A 217 -12.73 -12.61 20.71
C GLU A 217 -13.95 -11.71 20.45
ZN ZN B . 8.07 4.65 16.37
I IOD C . -6.14 -20.80 17.72
I IOD D . -3.89 -20.84 7.31
I IOD E . -12.55 -12.47 14.11
I IOD F . 6.55 13.17 -5.31
I IOD G . -1.22 7.96 14.34
#